data_1YR0
#
_entry.id   1YR0
#
_cell.length_a   73.849
_cell.length_b   64.490
_cell.length_c   145.447
_cell.angle_alpha   90.00
_cell.angle_beta   99.30
_cell.angle_gamma   90.00
#
_symmetry.space_group_name_H-M   'C 1 2 1'
#
loop_
_entity.id
_entity.type
_entity.pdbx_description
1 polymer 'phosphinothricin acetyltransferase'
2 non-polymer 'SULFATE ION'
3 water water
#
_entity_poly.entity_id   1
_entity_poly.type   'polypeptide(L)'
_entity_poly.pdbx_seq_one_letter_code
;(MSE)SLSVELRDATVDDLSGI(MSE)EIYNDAVVNTTAIWNEVVVDLENRKDWFAARTSRGFPVIVAILDGKVAGYASY
GDWRAFDGYRHTREHSVYVHKDARGHGIGKRL(MSE)QALIDHAGGNDVHVLIAAIEAENTASIRLHESLGFRVVGRFSE
VGTKFGRWLDLTC(MSE)ELKLGEGHHHHHH
;
_entity_poly.pdbx_strand_id   A,B,C,D
#
# COMPACT_ATOMS: atom_id res chain seq x y z
N SER A 4 26.55 -6.47 21.36
CA SER A 4 26.77 -5.88 20.01
C SER A 4 26.60 -6.91 18.89
N VAL A 5 26.15 -6.42 17.73
CA VAL A 5 25.92 -7.27 16.58
C VAL A 5 26.98 -6.99 15.53
N GLU A 6 27.40 -8.03 14.82
CA GLU A 6 28.38 -7.88 13.76
C GLU A 6 27.93 -8.65 12.52
N LEU A 7 28.17 -8.08 11.35
CA LEU A 7 27.79 -8.72 10.09
C LEU A 7 29.02 -9.22 9.33
N ARG A 8 28.85 -10.34 8.61
CA ARG A 8 29.92 -10.94 7.83
C ARG A 8 29.34 -11.92 6.82
N ASP A 9 30.19 -12.41 5.93
CA ASP A 9 29.77 -13.38 4.93
C ASP A 9 29.40 -14.68 5.64
N ALA A 10 28.34 -15.32 5.16
CA ALA A 10 27.92 -16.59 5.73
C ALA A 10 28.87 -17.66 5.18
N THR A 11 29.09 -18.72 5.96
CA THR A 11 29.92 -19.84 5.51
C THR A 11 29.02 -21.07 5.66
N VAL A 12 29.49 -22.22 5.20
CA VAL A 12 28.69 -23.43 5.32
C VAL A 12 28.37 -23.70 6.79
N ASP A 13 29.24 -23.24 7.69
CA ASP A 13 29.03 -23.46 9.12
C ASP A 13 27.85 -22.67 9.71
N ASP A 14 27.34 -21.71 8.95
CA ASP A 14 26.19 -20.91 9.42
C ASP A 14 24.89 -21.43 8.83
N LEU A 15 24.95 -22.45 8.00
CA LEU A 15 23.75 -22.95 7.34
C LEU A 15 22.64 -23.54 8.23
N SER A 16 23.00 -24.21 9.31
CA SER A 16 21.95 -24.76 10.17
C SER A 16 21.22 -23.60 10.87
N GLY A 17 21.96 -22.56 11.24
CA GLY A 17 21.32 -21.41 11.86
C GLY A 17 20.42 -20.68 10.87
N ILE A 18 20.89 -20.59 9.62
CA ILE A 18 20.12 -19.93 8.56
C ILE A 18 18.86 -20.76 8.30
N GLU A 20 17.21 -22.64 10.35
CA GLU A 20 16.25 -22.45 11.43
C GLU A 20 15.45 -21.15 11.26
N ILE A 21 16.12 -20.07 10.88
CA ILE A 21 15.42 -18.81 10.68
C ILE A 21 14.47 -18.90 9.51
N TYR A 22 14.93 -19.55 8.44
CA TYR A 22 14.13 -19.73 7.25
C TYR A 22 12.88 -20.55 7.56
N ASN A 23 13.07 -21.69 8.20
CA ASN A 23 11.94 -22.55 8.54
C ASN A 23 10.96 -21.87 9.46
N ASP A 24 11.47 -21.08 10.40
CA ASP A 24 10.57 -20.38 11.30
C ASP A 24 9.68 -19.42 10.51
N ALA A 25 10.28 -18.71 9.55
CA ALA A 25 9.52 -17.77 8.74
C ALA A 25 8.43 -18.50 7.97
N VAL A 26 8.79 -19.65 7.40
CA VAL A 26 7.82 -20.45 6.66
C VAL A 26 6.64 -20.85 7.53
N VAL A 27 6.93 -21.27 8.76
CA VAL A 27 5.91 -21.72 9.68
C VAL A 27 4.99 -20.64 10.26
N ASN A 28 5.55 -19.53 10.72
CA ASN A 28 4.71 -18.48 11.33
C ASN A 28 4.59 -17.13 10.68
N THR A 29 5.06 -16.96 9.44
CA THR A 29 4.97 -15.64 8.82
C THR A 29 4.62 -15.69 7.35
N THR A 30 4.40 -14.51 6.78
CA THR A 30 4.07 -14.36 5.38
C THR A 30 5.33 -13.89 4.62
N ALA A 31 6.49 -14.07 5.22
CA ALA A 31 7.74 -13.68 4.58
C ALA A 31 8.11 -14.62 3.44
N ILE A 32 7.62 -15.86 3.53
CA ILE A 32 7.89 -16.89 2.51
C ILE A 32 6.56 -17.51 2.14
N TRP A 33 6.16 -17.35 0.88
CA TRP A 33 4.88 -17.87 0.43
C TRP A 33 4.80 -19.35 0.02
N ASN A 34 4.90 -20.20 1.04
CA ASN A 34 4.80 -21.64 0.89
C ASN A 34 4.95 -22.21 2.30
N GLU A 35 4.66 -23.49 2.46
CA GLU A 35 4.77 -24.14 3.77
C GLU A 35 5.83 -25.22 3.73
N VAL A 36 6.83 -25.05 2.87
CA VAL A 36 7.88 -26.05 2.72
C VAL A 36 9.07 -25.83 3.66
N VAL A 37 9.18 -26.68 4.66
CA VAL A 37 10.29 -26.62 5.60
C VAL A 37 11.48 -27.25 4.89
N VAL A 38 12.65 -26.61 5.00
CA VAL A 38 13.85 -27.11 4.35
C VAL A 38 14.85 -27.73 5.32
N ASP A 39 15.75 -28.57 4.79
CA ASP A 39 16.75 -29.22 5.62
C ASP A 39 18.13 -28.64 5.32
N LEU A 40 19.16 -29.23 5.92
CA LEU A 40 20.52 -28.74 5.71
C LEU A 40 21.00 -28.85 4.27
N GLU A 41 20.71 -29.96 3.60
CA GLU A 41 21.15 -30.12 2.22
C GLU A 41 20.60 -29.00 1.36
N ASN A 42 19.33 -28.65 1.57
CA ASN A 42 18.71 -27.60 0.79
C ASN A 42 19.49 -26.28 0.93
N ARG A 43 19.87 -25.94 2.15
CA ARG A 43 20.62 -24.70 2.39
C ARG A 43 22.01 -24.78 1.77
N LYS A 44 22.58 -25.98 1.77
CA LYS A 44 23.90 -26.20 1.20
C LYS A 44 23.89 -25.93 -0.29
N ASP A 45 22.89 -26.47 -1.00
CA ASP A 45 22.78 -26.27 -2.43
C ASP A 45 22.52 -24.79 -2.69
N TRP A 46 21.57 -24.25 -1.93
CA TRP A 46 21.19 -22.85 -2.00
C TRP A 46 22.44 -21.99 -1.85
N PHE A 47 23.23 -22.30 -0.82
CA PHE A 47 24.45 -21.55 -0.56
C PHE A 47 25.50 -21.71 -1.65
N ALA A 48 25.58 -22.91 -2.23
CA ALA A 48 26.55 -23.16 -3.29
C ALA A 48 26.16 -22.42 -4.58
N ALA A 49 24.87 -22.38 -4.87
CA ALA A 49 24.39 -21.71 -6.08
C ALA A 49 24.58 -20.20 -6.00
N ARG A 50 24.32 -19.61 -4.84
CA ARG A 50 24.51 -18.18 -4.69
C ARG A 50 25.99 -17.82 -4.76
N THR A 51 26.83 -18.62 -4.12
CA THR A 51 28.27 -18.37 -4.14
C THR A 51 28.77 -18.37 -5.59
N SER A 52 28.31 -19.34 -6.37
CA SER A 52 28.70 -19.45 -7.78
C SER A 52 28.26 -18.23 -8.60
N ARG A 53 27.04 -17.75 -8.36
CA ARG A 53 26.51 -16.60 -9.10
C ARG A 53 27.11 -15.29 -8.59
N GLY A 54 27.82 -15.37 -7.48
CA GLY A 54 28.43 -14.19 -6.91
C GLY A 54 27.43 -13.41 -6.06
N PHE A 55 26.33 -14.06 -5.71
CA PHE A 55 25.31 -13.40 -4.89
C PHE A 55 25.74 -13.52 -3.44
N PRO A 56 25.62 -12.43 -2.68
CA PRO A 56 26.03 -12.43 -1.28
C PRO A 56 25.08 -13.16 -0.34
N VAL A 57 25.64 -13.61 0.78
CA VAL A 57 24.87 -14.27 1.83
C VAL A 57 25.52 -13.73 3.08
N ILE A 58 24.84 -12.78 3.70
CA ILE A 58 25.33 -12.10 4.88
C ILE A 58 24.58 -12.49 6.13
N VAL A 59 25.31 -12.80 7.20
CA VAL A 59 24.67 -13.15 8.45
C VAL A 59 25.00 -12.13 9.53
N ALA A 60 24.08 -11.96 10.48
CA ALA A 60 24.33 -11.05 11.58
C ALA A 60 24.59 -11.99 12.74
N ILE A 61 25.70 -11.77 13.44
CA ILE A 61 26.08 -12.61 14.56
C ILE A 61 25.91 -11.85 15.85
N LEU A 62 25.20 -12.46 16.79
CA LEU A 62 24.94 -11.86 18.09
C LEU A 62 25.00 -12.98 19.13
N ASP A 63 25.79 -12.78 20.17
CA ASP A 63 25.93 -13.77 21.23
C ASP A 63 26.40 -15.11 20.66
N GLY A 64 27.31 -15.07 19.70
CA GLY A 64 27.83 -16.27 19.10
C GLY A 64 26.94 -17.00 18.11
N LYS A 65 25.70 -16.54 17.95
CA LYS A 65 24.79 -17.20 17.02
C LYS A 65 24.27 -16.31 15.89
N VAL A 66 23.69 -16.93 14.87
CA VAL A 66 23.14 -16.21 13.73
C VAL A 66 21.84 -15.54 14.15
N ALA A 67 21.84 -14.21 14.21
CA ALA A 67 20.66 -13.46 14.62
C ALA A 67 19.88 -12.93 13.43
N GLY A 68 20.35 -13.27 12.24
CA GLY A 68 19.68 -12.82 11.03
C GLY A 68 20.54 -13.08 9.80
N TYR A 69 19.92 -13.10 8.63
CA TYR A 69 20.69 -13.33 7.41
C TYR A 69 20.04 -12.59 6.27
N ALA A 70 20.81 -12.34 5.23
CA ALA A 70 20.29 -11.60 4.09
C ALA A 70 20.96 -12.04 2.81
N SER A 71 20.25 -11.87 1.69
CA SER A 71 20.81 -12.28 0.41
C SER A 71 19.98 -11.71 -0.71
N TYR A 72 20.41 -11.95 -1.95
CA TYR A 72 19.64 -11.53 -3.09
C TYR A 72 19.95 -12.46 -4.23
N GLY A 73 19.04 -12.50 -5.19
CA GLY A 73 19.22 -13.38 -6.33
C GLY A 73 18.41 -12.84 -7.49
N ASP A 74 18.08 -13.71 -8.44
CA ASP A 74 17.31 -13.26 -9.59
C ASP A 74 15.94 -12.75 -9.18
N TRP A 75 15.45 -11.77 -9.94
CA TRP A 75 14.12 -11.24 -9.70
C TRP A 75 13.26 -11.92 -10.76
N ARG A 76 13.71 -11.85 -12.01
CA ARG A 76 13.06 -12.48 -13.14
C ARG A 76 14.16 -13.24 -13.85
N ALA A 77 13.99 -14.54 -13.99
CA ALA A 77 15.01 -15.40 -14.62
C ALA A 77 15.15 -15.17 -16.12
N PHE A 78 15.71 -14.02 -16.47
CA PHE A 78 15.94 -13.66 -17.87
C PHE A 78 17.18 -12.78 -18.01
N ASP A 79 18.01 -13.10 -19.01
CA ASP A 79 19.24 -12.39 -19.29
C ASP A 79 19.12 -10.86 -19.24
N GLY A 80 18.01 -10.33 -19.76
CA GLY A 80 17.81 -8.90 -19.76
C GLY A 80 17.65 -8.27 -18.38
N TYR A 81 17.46 -9.10 -17.36
CA TYR A 81 17.30 -8.58 -15.99
C TYR A 81 18.56 -8.77 -15.19
N ARG A 82 19.67 -9.02 -15.87
CA ARG A 82 20.94 -9.26 -15.20
C ARG A 82 21.39 -8.21 -14.20
N HIS A 83 20.92 -6.97 -14.33
CA HIS A 83 21.31 -5.91 -13.40
C HIS A 83 20.24 -5.65 -12.34
N THR A 84 19.23 -6.50 -12.30
CA THR A 84 18.16 -6.37 -11.31
C THR A 84 18.15 -7.61 -10.42
N ARG A 85 18.16 -7.41 -9.10
CA ARG A 85 18.16 -8.51 -8.15
C ARG A 85 17.07 -8.31 -7.09
N GLU A 86 16.49 -9.41 -6.60
CA GLU A 86 15.47 -9.32 -5.56
C GLU A 86 16.16 -9.76 -4.29
N HIS A 87 16.01 -8.98 -3.23
CA HIS A 87 16.65 -9.30 -1.98
C HIS A 87 15.67 -9.70 -0.91
N SER A 88 16.19 -10.35 0.13
CA SER A 88 15.37 -10.77 1.24
C SER A 88 16.24 -10.64 2.47
N VAL A 89 15.62 -10.22 3.57
CA VAL A 89 16.34 -10.05 4.83
C VAL A 89 15.51 -10.74 5.89
N TYR A 90 16.17 -11.49 6.77
CA TYR A 90 15.47 -12.17 7.83
C TYR A 90 16.14 -11.95 9.18
N VAL A 91 15.37 -11.49 10.16
CA VAL A 91 15.91 -11.28 11.49
C VAL A 91 15.32 -12.37 12.39
N HIS A 92 16.19 -13.01 13.16
CA HIS A 92 15.76 -14.07 14.08
C HIS A 92 14.67 -13.50 15.00
N LYS A 93 13.62 -14.28 15.22
CA LYS A 93 12.51 -13.85 16.06
C LYS A 93 12.88 -13.38 17.46
N ASP A 94 13.98 -13.90 18.00
CA ASP A 94 14.41 -13.52 19.34
C ASP A 94 15.47 -12.42 19.34
N ALA A 95 15.73 -11.84 18.17
CA ALA A 95 16.75 -10.78 18.07
C ALA A 95 16.22 -9.53 17.40
N ARG A 96 14.92 -9.30 17.56
CA ARG A 96 14.26 -8.14 16.98
C ARG A 96 14.54 -6.89 17.83
N GLY A 97 14.38 -5.72 17.22
CA GLY A 97 14.59 -4.47 17.93
C GLY A 97 16.03 -4.06 18.18
N HIS A 98 16.96 -4.70 17.46
CA HIS A 98 18.38 -4.41 17.59
C HIS A 98 18.96 -3.76 16.34
N GLY A 99 18.08 -3.32 15.44
CA GLY A 99 18.53 -2.70 14.21
C GLY A 99 19.23 -3.63 13.24
N ILE A 100 19.11 -4.94 13.50
CA ILE A 100 19.73 -5.94 12.64
C ILE A 100 19.20 -5.88 11.21
N GLY A 101 17.88 -5.74 11.08
CA GLY A 101 17.28 -5.68 9.75
C GLY A 101 17.89 -4.60 8.86
N LYS A 102 17.93 -3.38 9.37
CA LYS A 102 18.47 -2.27 8.60
C LYS A 102 19.94 -2.49 8.23
N ARG A 103 20.72 -2.97 9.19
CA ARG A 103 22.13 -3.20 8.93
C ARG A 103 22.33 -4.27 7.87
N LEU A 104 21.50 -5.32 7.91
CA LEU A 104 21.62 -6.38 6.92
C LEU A 104 21.27 -5.86 5.53
N GLN A 106 21.42 -2.77 4.50
CA GLN A 106 22.42 -1.81 4.07
C GLN A 106 23.61 -2.58 3.49
N ALA A 107 23.96 -3.69 4.13
CA ALA A 107 25.08 -4.51 3.68
C ALA A 107 24.79 -5.05 2.26
N LEU A 108 23.54 -5.44 2.02
CA LEU A 108 23.12 -5.95 0.73
C LEU A 108 23.20 -4.83 -0.31
N ILE A 109 22.81 -3.63 0.09
CA ILE A 109 22.87 -2.48 -0.79
C ILE A 109 24.33 -2.18 -1.12
N ASP A 110 25.21 -2.27 -0.14
CA ASP A 110 26.63 -2.02 -0.38
C ASP A 110 27.20 -3.04 -1.33
N HIS A 111 26.91 -4.31 -1.09
CA HIS A 111 27.43 -5.36 -1.94
C HIS A 111 26.93 -5.17 -3.37
N ALA A 112 25.62 -4.93 -3.51
CA ALA A 112 25.01 -4.73 -4.82
C ALA A 112 25.67 -3.58 -5.57
N GLY A 113 26.01 -2.51 -4.85
CA GLY A 113 26.63 -1.37 -5.48
C GLY A 113 27.99 -1.69 -6.10
N GLY A 114 28.61 -2.75 -5.62
CA GLY A 114 29.90 -3.13 -6.15
C GLY A 114 29.82 -4.39 -6.98
N ASN A 115 28.60 -4.84 -7.23
CA ASN A 115 28.40 -6.05 -8.00
C ASN A 115 27.63 -5.83 -9.29
N ASP A 116 27.75 -4.62 -9.83
CA ASP A 116 27.10 -4.26 -11.09
C ASP A 116 25.60 -4.55 -11.04
N VAL A 117 24.98 -4.14 -9.95
CA VAL A 117 23.55 -4.31 -9.77
C VAL A 117 23.00 -2.91 -9.90
N HIS A 118 22.02 -2.73 -10.77
CA HIS A 118 21.45 -1.41 -11.00
C HIS A 118 20.18 -1.18 -10.19
N VAL A 119 19.40 -2.24 -10.02
CA VAL A 119 18.17 -2.12 -9.26
C VAL A 119 17.95 -3.28 -8.28
N LEU A 120 17.47 -2.96 -7.09
CA LEU A 120 17.15 -3.96 -6.09
C LEU A 120 15.64 -3.90 -5.99
N ILE A 121 15.01 -5.07 -5.96
CA ILE A 121 13.56 -5.19 -5.89
C ILE A 121 13.12 -5.85 -4.59
N ALA A 122 12.12 -5.28 -3.93
CA ALA A 122 11.59 -5.84 -2.70
C ALA A 122 10.17 -6.33 -2.98
N ALA A 123 9.88 -7.57 -2.59
CA ALA A 123 8.55 -8.16 -2.75
C ALA A 123 8.08 -8.38 -1.32
N ILE A 124 7.27 -7.46 -0.83
CA ILE A 124 6.79 -7.51 0.55
C ILE A 124 5.31 -7.83 0.67
N GLU A 125 4.97 -8.72 1.61
CA GLU A 125 3.55 -9.05 1.82
C GLU A 125 2.93 -7.71 2.26
N ALA A 126 1.90 -7.29 1.52
CA ALA A 126 1.22 -6.02 1.71
C ALA A 126 1.00 -5.45 3.12
N GLU A 127 0.48 -6.27 4.03
CA GLU A 127 0.21 -5.80 5.39
C GLU A 127 1.43 -5.70 6.28
N ASN A 128 2.59 -6.13 5.78
CA ASN A 128 3.80 -6.06 6.59
C ASN A 128 4.35 -4.64 6.55
N THR A 129 3.68 -3.74 7.28
CA THR A 129 4.06 -2.33 7.34
C THR A 129 5.48 -2.11 7.85
N ALA A 130 5.88 -2.91 8.83
CA ALA A 130 7.21 -2.79 9.41
C ALA A 130 8.29 -3.01 8.35
N SER A 131 8.08 -4.01 7.50
CA SER A 131 9.05 -4.27 6.44
C SER A 131 9.02 -3.10 5.45
N ILE A 132 7.83 -2.64 5.10
CA ILE A 132 7.70 -1.53 4.16
C ILE A 132 8.46 -0.31 4.66
N ARG A 133 8.26 0.03 5.94
CA ARG A 133 8.95 1.17 6.54
C ARG A 133 10.46 0.98 6.54
N LEU A 134 10.92 -0.23 6.83
CA LEU A 134 12.35 -0.51 6.85
C LEU A 134 12.94 -0.27 5.47
N HIS A 135 12.26 -0.71 4.43
CA HIS A 135 12.76 -0.50 3.07
C HIS A 135 12.76 0.99 2.74
N GLU A 136 11.71 1.70 3.15
CA GLU A 136 11.61 3.14 2.90
C GLU A 136 12.75 3.90 3.57
N SER A 137 13.10 3.49 4.78
CA SER A 137 14.17 4.16 5.51
C SER A 137 15.50 3.99 4.77
N LEU A 138 15.55 3.04 3.85
CA LEU A 138 16.77 2.80 3.10
C LEU A 138 16.67 3.24 1.64
N GLY A 139 15.66 4.03 1.33
CA GLY A 139 15.52 4.55 -0.02
C GLY A 139 14.61 3.85 -0.99
N PHE A 140 14.04 2.72 -0.61
CA PHE A 140 13.15 1.99 -1.53
C PHE A 140 11.86 2.78 -1.71
N ARG A 141 11.30 2.70 -2.90
CA ARG A 141 10.05 3.40 -3.17
C ARG A 141 9.05 2.39 -3.74
N VAL A 142 7.78 2.63 -3.43
CA VAL A 142 6.71 1.76 -3.88
C VAL A 142 6.54 1.80 -5.38
N VAL A 143 6.30 0.63 -5.96
CA VAL A 143 6.06 0.52 -7.39
C VAL A 143 4.57 0.27 -7.56
N GLY A 144 4.05 -0.67 -6.77
CA GLY A 144 2.62 -0.98 -6.85
C GLY A 144 2.27 -2.14 -5.95
N ARG A 145 0.99 -2.49 -5.91
CA ARG A 145 0.53 -3.59 -5.07
C ARG A 145 -0.36 -4.55 -5.82
N PHE A 146 0.05 -5.82 -5.86
CA PHE A 146 -0.70 -6.86 -6.54
C PHE A 146 -1.75 -7.41 -5.59
N SER A 147 -2.99 -7.49 -6.08
CA SER A 147 -4.09 -7.96 -5.26
C SER A 147 -4.38 -9.46 -5.29
N GLU A 148 -4.37 -10.04 -4.11
CA GLU A 148 -4.65 -11.46 -3.90
C GLU A 148 -3.88 -12.38 -4.84
N VAL A 149 -2.60 -12.11 -5.03
CA VAL A 149 -1.79 -12.94 -5.90
C VAL A 149 -1.20 -14.13 -5.15
N GLY A 150 -1.36 -14.14 -3.84
CA GLY A 150 -0.84 -15.26 -3.06
C GLY A 150 -1.85 -15.76 -2.04
N THR A 151 -1.58 -16.93 -1.48
CA THR A 151 -2.46 -17.49 -0.45
C THR A 151 -1.64 -18.22 0.59
N LYS A 152 -2.02 -18.04 1.86
CA LYS A 152 -1.36 -18.70 2.97
C LYS A 152 -2.24 -18.55 4.21
N PHE A 153 -2.18 -19.52 5.11
CA PHE A 153 -2.99 -19.47 6.33
C PHE A 153 -4.49 -19.38 6.02
N GLY A 154 -4.89 -19.89 4.85
CA GLY A 154 -6.29 -19.87 4.48
C GLY A 154 -6.81 -18.55 3.92
N ARG A 155 -5.94 -17.57 3.71
CA ARG A 155 -6.38 -16.28 3.18
C ARG A 155 -5.56 -15.77 2.00
N TRP A 156 -6.14 -14.84 1.23
CA TRP A 156 -5.47 -14.24 0.08
C TRP A 156 -4.47 -13.21 0.61
N LEU A 157 -3.35 -13.08 -0.10
CA LEU A 157 -2.31 -12.14 0.27
C LEU A 157 -2.05 -11.17 -0.88
N ASP A 158 -1.71 -9.93 -0.51
CA ASP A 158 -1.39 -8.90 -1.50
C ASP A 158 0.13 -8.76 -1.48
N LEU A 159 0.70 -8.39 -2.61
CA LEU A 159 2.13 -8.24 -2.72
C LEU A 159 2.50 -6.82 -3.13
N THR A 160 3.18 -6.10 -2.24
CA THR A 160 3.61 -4.72 -2.54
C THR A 160 5.07 -4.79 -2.93
N CYS A 161 5.37 -4.36 -4.14
CA CYS A 161 6.74 -4.38 -4.62
C CYS A 161 7.34 -2.98 -4.54
N GLU A 163 11.26 -0.68 -5.19
CA GLU A 163 12.51 -0.67 -5.93
C GLU A 163 13.49 0.36 -5.40
N LEU A 164 14.77 0.03 -5.56
CA LEU A 164 15.88 0.89 -5.17
C LEU A 164 16.85 0.89 -6.35
N LYS A 165 17.00 2.06 -6.98
CA LYS A 165 17.90 2.17 -8.12
C LYS A 165 19.27 2.57 -7.58
N LEU A 166 20.29 1.80 -7.94
CA LEU A 166 21.66 2.07 -7.49
C LEU A 166 22.44 2.83 -8.57
N SER B 4 -9.62 -15.41 -42.27
CA SER B 4 -10.19 -16.36 -41.29
C SER B 4 -9.08 -16.88 -40.39
N VAL B 5 -9.28 -16.76 -39.08
CA VAL B 5 -8.28 -17.23 -38.12
C VAL B 5 -8.91 -18.22 -37.16
N GLU B 6 -8.20 -19.30 -36.87
CA GLU B 6 -8.74 -20.29 -35.97
C GLU B 6 -7.75 -20.54 -34.85
N LEU B 7 -8.23 -20.50 -33.62
CA LEU B 7 -7.39 -20.75 -32.46
C LEU B 7 -7.66 -22.16 -31.97
N ARG B 8 -6.60 -22.85 -31.57
CA ARG B 8 -6.73 -24.23 -31.07
C ARG B 8 -5.51 -24.54 -30.22
N ASP B 9 -5.52 -25.67 -29.52
CA ASP B 9 -4.37 -26.03 -28.72
C ASP B 9 -3.25 -26.37 -29.67
N ALA B 10 -2.04 -26.01 -29.27
CA ALA B 10 -0.87 -26.29 -30.08
C ALA B 10 -0.44 -27.72 -29.83
N THR B 11 0.34 -28.27 -30.76
CA THR B 11 0.88 -29.63 -30.62
C THR B 11 2.37 -29.45 -30.93
N VAL B 12 3.15 -30.52 -30.75
CA VAL B 12 4.58 -30.45 -31.04
C VAL B 12 4.79 -30.04 -32.50
N ASP B 13 3.84 -30.40 -33.36
CA ASP B 13 3.94 -30.08 -34.77
C ASP B 13 3.91 -28.59 -35.09
N ASP B 14 3.35 -27.79 -34.18
CA ASP B 14 3.25 -26.34 -34.36
C ASP B 14 4.48 -25.62 -33.85
N LEU B 15 5.38 -26.35 -33.20
CA LEU B 15 6.56 -25.72 -32.62
C LEU B 15 7.45 -24.90 -33.56
N SER B 16 7.64 -25.36 -34.80
CA SER B 16 8.50 -24.59 -35.71
C SER B 16 7.89 -23.22 -36.00
N GLY B 17 6.56 -23.16 -36.05
CA GLY B 17 5.90 -21.90 -36.30
C GLY B 17 5.87 -21.02 -35.06
N ILE B 18 5.87 -21.65 -33.89
CA ILE B 18 5.86 -20.88 -32.65
C ILE B 18 7.27 -20.30 -32.48
N GLU B 20 9.43 -19.49 -34.74
CA GLU B 20 9.65 -18.37 -35.64
C GLU B 20 9.15 -17.08 -35.02
N ILE B 21 7.95 -17.13 -34.47
CA ILE B 21 7.36 -15.96 -33.85
C ILE B 21 8.19 -15.55 -32.65
N TYR B 22 8.59 -16.54 -31.85
CA TYR B 22 9.39 -16.30 -30.65
C TYR B 22 10.73 -15.65 -31.02
N ASN B 23 11.45 -16.29 -31.94
CA ASN B 23 12.74 -15.75 -32.33
C ASN B 23 12.63 -14.36 -32.96
N ASP B 24 11.51 -14.07 -33.60
CA ASP B 24 11.32 -12.76 -34.19
C ASP B 24 11.23 -11.72 -33.06
N ALA B 25 10.51 -12.07 -32.00
CA ALA B 25 10.35 -11.15 -30.88
C ALA B 25 11.69 -10.96 -30.18
N VAL B 26 12.48 -12.03 -30.13
CA VAL B 26 13.79 -11.96 -29.49
C VAL B 26 14.68 -10.95 -30.20
N VAL B 27 14.61 -10.96 -31.53
CA VAL B 27 15.44 -10.08 -32.34
C VAL B 27 14.91 -8.67 -32.62
N ASN B 28 13.60 -8.55 -32.87
CA ASN B 28 13.05 -7.25 -33.23
C ASN B 28 12.07 -6.56 -32.29
N THR B 29 11.98 -7.01 -31.05
CA THR B 29 11.03 -6.40 -30.12
C THR B 29 11.59 -6.37 -28.71
N THR B 30 10.79 -5.78 -27.83
CA THR B 30 11.12 -5.70 -26.41
C THR B 30 10.18 -6.64 -25.64
N ALA B 31 9.40 -7.43 -26.37
CA ALA B 31 8.47 -8.36 -25.75
C ALA B 31 9.23 -9.45 -24.98
N ILE B 32 10.39 -9.81 -25.49
CA ILE B 32 11.21 -10.82 -24.83
C ILE B 32 12.50 -10.15 -24.41
N TRP B 33 12.82 -10.21 -23.12
CA TRP B 33 14.02 -9.57 -22.64
C TRP B 33 15.19 -10.53 -22.69
N ASN B 34 15.53 -10.89 -23.92
CA ASN B 34 16.62 -11.80 -24.21
C ASN B 34 17.02 -11.57 -25.66
N GLU B 35 18.29 -11.79 -25.97
CA GLU B 35 18.81 -11.57 -27.31
C GLU B 35 19.38 -12.83 -27.96
N VAL B 36 19.07 -14.00 -27.40
CA VAL B 36 19.56 -15.27 -27.93
C VAL B 36 18.45 -16.12 -28.55
N VAL B 37 18.50 -16.34 -29.86
CA VAL B 37 17.49 -17.15 -30.52
C VAL B 37 17.64 -18.59 -30.07
N VAL B 38 16.51 -19.30 -29.98
CA VAL B 38 16.53 -20.69 -29.53
C VAL B 38 16.28 -21.67 -30.66
N ASP B 39 16.58 -22.94 -30.43
CA ASP B 39 16.35 -23.92 -31.48
C ASP B 39 15.10 -24.76 -31.15
N LEU B 40 14.72 -25.61 -32.09
CA LEU B 40 13.53 -26.44 -31.92
C LEU B 40 13.55 -27.25 -30.62
N GLU B 41 14.70 -27.84 -30.32
CA GLU B 41 14.84 -28.64 -29.12
C GLU B 41 14.53 -27.82 -27.88
N ASN B 42 14.90 -26.54 -27.91
CA ASN B 42 14.63 -25.66 -26.79
C ASN B 42 13.12 -25.42 -26.68
N ARG B 43 12.46 -25.19 -27.80
CA ARG B 43 11.03 -24.97 -27.74
C ARG B 43 10.29 -26.27 -27.39
N LYS B 44 10.88 -27.42 -27.72
CA LYS B 44 10.25 -28.68 -27.38
C LYS B 44 10.26 -28.86 -25.86
N ASP B 45 11.35 -28.45 -25.21
CA ASP B 45 11.45 -28.55 -23.76
C ASP B 45 10.47 -27.56 -23.10
N TRP B 46 10.36 -26.38 -23.70
CA TRP B 46 9.45 -25.33 -23.22
C TRP B 46 8.01 -25.84 -23.32
N PHE B 47 7.68 -26.42 -24.47
CA PHE B 47 6.34 -26.95 -24.70
C PHE B 47 6.03 -28.07 -23.71
N ALA B 48 7.01 -28.93 -23.46
CA ALA B 48 6.81 -30.04 -22.52
C ALA B 48 6.62 -29.54 -21.10
N ALA B 49 7.38 -28.52 -20.71
CA ALA B 49 7.26 -27.97 -19.36
C ALA B 49 5.84 -27.42 -19.13
N ARG B 50 5.29 -26.71 -20.12
CA ARG B 50 3.95 -26.16 -20.02
C ARG B 50 2.91 -27.29 -19.94
N THR B 51 3.06 -28.28 -20.80
CA THR B 51 2.12 -29.40 -20.84
C THR B 51 2.09 -30.14 -19.50
N SER B 52 3.25 -30.38 -18.92
CA SER B 52 3.35 -31.10 -17.65
C SER B 52 2.59 -30.41 -16.52
N ARG B 53 2.67 -29.08 -16.48
CA ARG B 53 2.03 -28.29 -15.44
C ARG B 53 0.57 -28.00 -15.77
N GLY B 54 0.11 -28.51 -16.91
CA GLY B 54 -1.26 -28.28 -17.31
C GLY B 54 -1.46 -26.87 -17.84
N PHE B 55 -0.37 -26.20 -18.18
CA PHE B 55 -0.47 -24.84 -18.71
C PHE B 55 -0.83 -24.87 -20.20
N PRO B 56 -1.73 -23.99 -20.62
CA PRO B 56 -2.14 -23.96 -22.02
C PRO B 56 -1.14 -23.32 -22.98
N VAL B 57 -1.16 -23.80 -24.22
CA VAL B 57 -0.33 -23.25 -25.29
C VAL B 57 -1.33 -23.25 -26.45
N ILE B 58 -1.74 -22.05 -26.84
CA ILE B 58 -2.72 -21.87 -27.90
C ILE B 58 -2.12 -21.18 -29.11
N VAL B 59 -2.43 -21.68 -30.30
CA VAL B 59 -1.94 -21.07 -31.52
C VAL B 59 -3.10 -20.52 -32.32
N ALA B 60 -2.81 -19.47 -33.10
CA ALA B 60 -3.80 -18.85 -33.97
C ALA B 60 -3.36 -19.28 -35.37
N ILE B 61 -4.20 -20.01 -36.08
CA ILE B 61 -3.85 -20.49 -37.43
C ILE B 61 -4.45 -19.65 -38.56
N LEU B 62 -3.58 -19.18 -39.45
CA LEU B 62 -3.97 -18.36 -40.59
C LEU B 62 -3.30 -18.90 -41.84
N ASP B 63 -4.10 -19.36 -42.80
CA ASP B 63 -3.54 -19.90 -44.04
C ASP B 63 -2.71 -21.14 -43.75
N GLY B 64 -3.18 -21.97 -42.81
CA GLY B 64 -2.46 -23.18 -42.47
C GLY B 64 -1.15 -22.93 -41.73
N LYS B 65 -0.87 -21.67 -41.43
CA LYS B 65 0.35 -21.28 -40.72
C LYS B 65 0.08 -20.71 -39.33
N VAL B 66 1.07 -20.75 -38.45
CA VAL B 66 0.91 -20.20 -37.10
C VAL B 66 1.09 -18.69 -37.20
N ALA B 67 0.02 -17.94 -36.99
CA ALA B 67 0.07 -16.48 -37.06
C ALA B 67 0.15 -15.83 -35.67
N GLY B 68 0.09 -16.66 -34.63
CA GLY B 68 0.18 -16.18 -33.27
C GLY B 68 0.10 -17.31 -32.26
N TYR B 69 0.54 -17.06 -31.04
CA TYR B 69 0.44 -18.07 -29.99
C TYR B 69 0.39 -17.37 -28.65
N ALA B 70 -0.06 -18.09 -27.63
CA ALA B 70 -0.16 -17.53 -26.30
C ALA B 70 -0.08 -18.64 -25.28
N SER B 71 0.32 -18.29 -24.07
CA SER B 71 0.45 -19.28 -23.01
C SER B 71 0.61 -18.52 -21.71
N TYR B 72 0.52 -19.25 -20.60
CA TYR B 72 0.75 -18.65 -19.28
C TYR B 72 1.43 -19.69 -18.42
N GLY B 73 2.08 -19.23 -17.36
CA GLY B 73 2.79 -20.13 -16.47
C GLY B 73 3.08 -19.42 -15.17
N ASP B 74 4.03 -19.93 -14.39
CA ASP B 74 4.38 -19.31 -13.13
C ASP B 74 4.74 -17.83 -13.26
N TRP B 75 4.35 -17.04 -12.26
CA TRP B 75 4.70 -15.63 -12.21
C TRP B 75 5.85 -15.57 -11.20
N ARG B 76 5.63 -16.23 -10.06
CA ARG B 76 6.64 -16.31 -9.00
C ARG B 76 6.69 -17.78 -8.61
N ALA B 77 7.88 -18.37 -8.62
CA ALA B 77 8.03 -19.80 -8.31
C ALA B 77 7.91 -20.15 -6.84
N PHE B 78 6.68 -20.11 -6.33
CA PHE B 78 6.38 -20.44 -4.95
C PHE B 78 4.97 -21.00 -4.85
N ASP B 79 4.81 -22.01 -4.00
CA ASP B 79 3.55 -22.67 -3.78
C ASP B 79 2.41 -21.68 -3.45
N GLY B 80 2.76 -20.59 -2.77
CA GLY B 80 1.76 -19.60 -2.41
C GLY B 80 1.15 -18.87 -3.58
N TYR B 81 1.74 -19.01 -4.76
CA TYR B 81 1.22 -18.35 -5.95
C TYR B 81 0.47 -19.31 -6.88
N ARG B 82 0.09 -20.47 -6.36
CA ARG B 82 -0.63 -21.49 -7.14
C ARG B 82 -1.74 -20.92 -8.02
N HIS B 83 -2.46 -19.93 -7.50
CA HIS B 83 -3.58 -19.35 -8.24
C HIS B 83 -3.25 -18.11 -9.06
N THR B 84 -1.97 -17.83 -9.26
CA THR B 84 -1.53 -16.68 -10.04
C THR B 84 -0.65 -17.14 -11.18
N ARG B 85 -0.94 -16.69 -12.39
CA ARG B 85 -0.17 -17.07 -13.55
C ARG B 85 0.18 -15.85 -14.39
N GLU B 86 1.37 -15.87 -15.00
CA GLU B 86 1.76 -14.76 -15.86
C GLU B 86 1.56 -15.24 -17.29
N HIS B 87 0.82 -14.46 -18.07
CA HIS B 87 0.54 -14.83 -19.47
C HIS B 87 1.35 -14.02 -20.47
N SER B 88 1.47 -14.58 -21.66
CA SER B 88 2.20 -13.95 -22.75
C SER B 88 1.42 -14.21 -24.03
N VAL B 89 1.39 -13.21 -24.90
CA VAL B 89 0.70 -13.35 -26.19
C VAL B 89 1.60 -12.78 -27.29
N TYR B 90 1.80 -13.57 -28.34
CA TYR B 90 2.64 -13.14 -29.46
C TYR B 90 1.92 -13.30 -30.79
N VAL B 91 1.99 -12.26 -31.62
CA VAL B 91 1.37 -12.29 -32.94
C VAL B 91 2.47 -12.15 -33.98
N HIS B 92 2.42 -12.97 -35.02
CA HIS B 92 3.42 -12.95 -36.09
C HIS B 92 3.50 -11.55 -36.72
N LYS B 93 4.73 -11.09 -36.98
CA LYS B 93 4.97 -9.77 -37.56
C LYS B 93 4.18 -9.46 -38.83
N ASP B 94 3.89 -10.49 -39.61
CA ASP B 94 3.15 -10.30 -40.85
C ASP B 94 1.66 -10.63 -40.71
N ALA B 95 1.14 -10.62 -39.49
CA ALA B 95 -0.26 -10.92 -39.25
C ALA B 95 -0.91 -10.00 -38.22
N ARG B 96 -0.33 -8.81 -38.05
CA ARG B 96 -0.84 -7.83 -37.11
C ARG B 96 -2.06 -7.11 -37.69
N GLY B 97 -2.84 -6.49 -36.83
CA GLY B 97 -4.00 -5.75 -37.29
C GLY B 97 -5.22 -6.59 -37.63
N HIS B 98 -5.22 -7.85 -37.23
CA HIS B 98 -6.37 -8.71 -37.53
C HIS B 98 -7.13 -9.14 -36.28
N GLY B 99 -6.77 -8.55 -35.14
CA GLY B 99 -7.46 -8.89 -33.90
C GLY B 99 -7.01 -10.20 -33.29
N ILE B 100 -5.96 -10.79 -33.85
CA ILE B 100 -5.47 -12.05 -33.34
C ILE B 100 -5.03 -11.94 -31.87
N GLY B 101 -4.35 -10.84 -31.54
CA GLY B 101 -3.88 -10.63 -30.17
C GLY B 101 -4.95 -10.73 -29.10
N LYS B 102 -6.04 -9.99 -29.30
CA LYS B 102 -7.14 -9.98 -28.34
C LYS B 102 -7.84 -11.36 -28.27
N ARG B 103 -7.97 -12.03 -29.41
CA ARG B 103 -8.60 -13.34 -29.38
C ARG B 103 -7.74 -14.33 -28.59
N LEU B 104 -6.43 -14.23 -28.75
CA LEU B 104 -5.54 -15.12 -28.02
C LEU B 104 -5.60 -14.87 -26.52
N GLN B 106 -7.99 -13.50 -24.84
CA GLN B 106 -9.31 -13.90 -24.34
C GLN B 106 -9.35 -15.41 -24.16
N ALA B 107 -8.67 -16.11 -25.06
CA ALA B 107 -8.62 -17.56 -24.99
C ALA B 107 -7.92 -17.97 -23.69
N LEU B 108 -6.87 -17.23 -23.32
CA LEU B 108 -6.13 -17.54 -22.10
C LEU B 108 -6.96 -17.23 -20.86
N ILE B 109 -7.69 -16.12 -20.91
CA ILE B 109 -8.52 -15.72 -19.79
C ILE B 109 -9.57 -16.80 -19.53
N ASP B 110 -10.16 -17.31 -20.61
CA ASP B 110 -11.17 -18.35 -20.52
C ASP B 110 -10.59 -19.64 -19.94
N HIS B 111 -9.39 -20.01 -20.38
CA HIS B 111 -8.75 -21.21 -19.89
C HIS B 111 -8.36 -21.04 -18.42
N ALA B 112 -7.84 -19.87 -18.10
CA ALA B 112 -7.43 -19.56 -16.73
C ALA B 112 -8.62 -19.66 -15.78
N GLY B 113 -9.72 -19.04 -16.16
CA GLY B 113 -10.92 -19.07 -15.35
C GLY B 113 -11.44 -20.46 -15.06
N GLY B 114 -11.14 -21.41 -15.95
CA GLY B 114 -11.60 -22.77 -15.75
C GLY B 114 -10.49 -23.69 -15.28
N ASN B 115 -9.34 -23.09 -14.97
CA ASN B 115 -8.17 -23.86 -14.52
C ASN B 115 -7.73 -23.42 -13.12
N ASP B 116 -8.70 -23.00 -12.31
CA ASP B 116 -8.43 -22.59 -10.94
C ASP B 116 -7.41 -21.47 -10.83
N VAL B 117 -7.46 -20.55 -11.79
CA VAL B 117 -6.55 -19.41 -11.79
C VAL B 117 -7.33 -18.21 -11.29
N HIS B 118 -6.85 -17.61 -10.21
CA HIS B 118 -7.51 -16.46 -9.62
C HIS B 118 -7.01 -15.14 -10.19
N VAL B 119 -5.72 -15.05 -10.51
CA VAL B 119 -5.14 -13.82 -11.04
C VAL B 119 -4.17 -14.01 -12.21
N LEU B 120 -4.29 -13.15 -13.22
CA LEU B 120 -3.41 -13.17 -14.37
C LEU B 120 -2.52 -11.94 -14.28
N ILE B 121 -1.22 -12.14 -14.46
CA ILE B 121 -0.28 -11.04 -14.40
C ILE B 121 0.39 -10.84 -15.75
N ALA B 122 0.50 -9.58 -16.15
CA ALA B 122 1.14 -9.26 -17.40
C ALA B 122 2.37 -8.39 -17.12
N ALA B 123 3.48 -8.72 -17.77
CA ALA B 123 4.75 -8.00 -17.66
C ALA B 123 4.96 -7.40 -19.06
N ILE B 124 4.66 -6.12 -19.19
CA ILE B 124 4.75 -5.42 -20.47
C ILE B 124 5.84 -4.34 -20.50
N GLU B 125 6.58 -4.26 -21.60
CA GLU B 125 7.59 -3.23 -21.71
C GLU B 125 6.80 -1.92 -21.61
N ALA B 126 7.19 -1.07 -20.65
CA ALA B 126 6.50 0.18 -20.37
C ALA B 126 6.09 1.06 -21.55
N GLU B 127 6.92 1.13 -22.59
CA GLU B 127 6.62 1.98 -23.74
C GLU B 127 5.72 1.30 -24.77
N ASN B 128 5.45 0.01 -24.60
CA ASN B 128 4.60 -0.68 -25.56
C ASN B 128 3.13 -0.29 -25.34
N THR B 129 2.73 0.84 -25.91
CA THR B 129 1.37 1.36 -25.77
C THR B 129 0.31 0.40 -26.33
N ALA B 130 0.62 -0.25 -27.45
CA ALA B 130 -0.31 -1.18 -28.05
C ALA B 130 -0.68 -2.32 -27.09
N SER B 131 0.32 -2.91 -26.45
CA SER B 131 0.10 -4.01 -25.51
C SER B 131 -0.71 -3.59 -24.29
N ILE B 132 -0.36 -2.45 -23.70
CA ILE B 132 -1.05 -1.91 -22.54
C ILE B 132 -2.52 -1.68 -22.85
N ARG B 133 -2.80 -1.07 -24.01
CA ARG B 133 -4.19 -0.81 -24.40
C ARG B 133 -4.93 -2.12 -24.65
N LEU B 134 -4.23 -3.13 -25.16
CA LEU B 134 -4.87 -4.42 -25.43
C LEU B 134 -5.31 -5.03 -24.11
N HIS B 135 -4.42 -5.00 -23.13
CA HIS B 135 -4.74 -5.56 -21.81
C HIS B 135 -5.87 -4.78 -21.15
N GLU B 136 -5.81 -3.45 -21.20
CA GLU B 136 -6.86 -2.64 -20.58
C GLU B 136 -8.22 -2.95 -21.20
N SER B 137 -8.23 -3.24 -22.51
CA SER B 137 -9.47 -3.54 -23.20
C SER B 137 -10.02 -4.89 -22.72
N LEU B 138 -9.21 -5.61 -21.96
CA LEU B 138 -9.62 -6.90 -21.43
C LEU B 138 -9.78 -6.89 -19.92
N GLY B 139 -9.86 -5.69 -19.34
CA GLY B 139 -10.06 -5.60 -17.91
C GLY B 139 -8.81 -5.51 -17.04
N PHE B 140 -7.63 -5.61 -17.62
CA PHE B 140 -6.41 -5.53 -16.81
C PHE B 140 -6.25 -4.15 -16.21
N ARG B 141 -5.69 -4.11 -15.00
CA ARG B 141 -5.44 -2.85 -14.29
C ARG B 141 -3.94 -2.68 -14.13
N VAL B 142 -3.45 -1.46 -14.27
CA VAL B 142 -2.03 -1.20 -14.12
C VAL B 142 -1.64 -1.34 -12.65
N VAL B 143 -0.66 -2.19 -12.35
CA VAL B 143 -0.22 -2.35 -10.97
C VAL B 143 0.87 -1.33 -10.67
N GLY B 144 1.86 -1.28 -11.55
CA GLY B 144 2.96 -0.35 -11.37
C GLY B 144 3.97 -0.44 -12.49
N ARG B 145 4.95 0.44 -12.45
CA ARG B 145 5.99 0.47 -13.48
C ARG B 145 7.37 0.42 -12.83
N PHE B 146 8.14 -0.62 -13.15
CA PHE B 146 9.48 -0.73 -12.58
C PHE B 146 10.45 -0.01 -13.50
N SER B 147 11.25 0.86 -12.90
CA SER B 147 12.21 1.67 -13.62
C SER B 147 13.57 1.05 -13.91
N GLU B 148 13.91 0.96 -15.20
CA GLU B 148 15.19 0.44 -15.67
C GLU B 148 15.61 -0.90 -15.09
N VAL B 149 14.65 -1.82 -14.97
CA VAL B 149 14.93 -3.14 -14.44
C VAL B 149 15.45 -4.09 -15.52
N GLY B 150 15.32 -3.68 -16.78
CA GLY B 150 15.78 -4.51 -17.86
C GLY B 150 16.70 -3.78 -18.82
N THR B 151 17.39 -4.53 -19.66
CA THR B 151 18.26 -3.91 -20.64
C THR B 151 18.31 -4.74 -21.90
N LYS B 152 18.25 -4.05 -23.03
CA LYS B 152 18.30 -4.67 -24.34
C LYS B 152 18.57 -3.56 -25.34
N PHE B 153 19.21 -3.88 -26.45
CA PHE B 153 19.53 -2.91 -27.49
C PHE B 153 20.40 -1.80 -26.91
N GLY B 154 21.13 -2.11 -25.85
CA GLY B 154 22.00 -1.14 -25.22
C GLY B 154 21.30 -0.03 -24.48
N ARG B 155 20.07 -0.28 -24.03
CA ARG B 155 19.32 0.75 -23.30
C ARG B 155 18.55 0.15 -22.13
N TRP B 156 18.26 1.00 -21.15
CA TRP B 156 17.49 0.59 -19.97
C TRP B 156 16.04 0.44 -20.36
N LEU B 157 15.37 -0.56 -19.81
CA LEU B 157 13.95 -0.80 -20.10
C LEU B 157 13.13 -0.83 -18.81
N ASP B 158 11.93 -0.27 -18.87
CA ASP B 158 11.02 -0.24 -17.74
C ASP B 158 10.02 -1.38 -17.91
N LEU B 159 9.50 -1.88 -16.80
CA LEU B 159 8.54 -2.97 -16.84
C LEU B 159 7.22 -2.55 -16.21
N THR B 160 6.15 -2.52 -17.01
CA THR B 160 4.84 -2.17 -16.50
C THR B 160 4.06 -3.46 -16.30
N CYS B 161 3.63 -3.68 -15.06
CA CYS B 161 2.89 -4.87 -14.72
C CYS B 161 1.41 -4.57 -14.56
N GLU B 163 -2.63 -6.49 -13.75
CA GLU B 163 -3.29 -7.65 -13.19
C GLU B 163 -4.76 -7.70 -13.58
N LEU B 164 -5.28 -8.92 -13.60
CA LEU B 164 -6.69 -9.16 -13.90
C LEU B 164 -7.14 -10.25 -12.95
N LYS B 165 -8.10 -9.90 -12.10
CA LYS B 165 -8.66 -10.83 -11.13
C LYS B 165 -9.75 -11.59 -11.86
N LEU B 166 -9.76 -12.91 -11.72
CA LEU B 166 -10.76 -13.74 -12.38
C LEU B 166 -11.82 -14.19 -11.37
N SER C 4 12.76 29.14 -14.35
CA SER C 4 13.25 29.07 -12.94
C SER C 4 12.10 29.24 -11.95
N VAL C 5 11.88 28.20 -11.15
CA VAL C 5 10.82 28.22 -10.16
C VAL C 5 11.23 28.94 -8.89
N GLU C 6 10.34 29.80 -8.39
CA GLU C 6 10.62 30.54 -7.18
C GLU C 6 9.51 30.29 -6.16
N LEU C 7 9.88 30.00 -4.92
CA LEU C 7 8.90 29.78 -3.87
C LEU C 7 8.88 30.96 -2.92
N ARG C 8 7.68 31.33 -2.47
CA ARG C 8 7.53 32.44 -1.54
C ARG C 8 6.17 32.34 -0.87
N ASP C 9 5.98 33.09 0.22
CA ASP C 9 4.71 33.05 0.90
C ASP C 9 3.65 33.60 -0.04
N ALA C 10 2.47 32.99 0.01
CA ALA C 10 1.37 33.42 -0.83
C ALA C 10 0.72 34.67 -0.24
N THR C 11 0.25 35.56 -1.11
CA THR C 11 -0.45 36.77 -0.69
C THR C 11 -1.86 36.64 -1.25
N VAL C 12 -2.75 37.54 -0.85
CA VAL C 12 -4.12 37.50 -1.32
C VAL C 12 -4.21 37.57 -2.84
N ASP C 13 -3.17 38.08 -3.47
CA ASP C 13 -3.16 38.20 -4.92
C ASP C 13 -2.93 36.89 -5.67
N ASP C 14 -2.43 35.88 -4.96
CA ASP C 14 -2.19 34.58 -5.57
C ASP C 14 -3.42 33.69 -5.43
N LEU C 15 -4.43 34.17 -4.70
CA LEU C 15 -5.63 33.37 -4.46
C LEU C 15 -6.39 32.85 -5.68
N SER C 16 -6.51 33.66 -6.73
CA SER C 16 -7.24 33.20 -7.91
C SER C 16 -6.41 32.11 -8.59
N GLY C 17 -5.10 32.17 -8.44
CA GLY C 17 -4.24 31.15 -9.01
C GLY C 17 -4.38 29.86 -8.22
N ILE C 18 -4.40 29.98 -6.89
CA ILE C 18 -4.55 28.82 -6.03
C ILE C 18 -5.90 28.18 -6.28
N GLU C 20 -7.87 28.10 -9.06
CA GLU C 20 -7.97 27.28 -10.26
C GLU C 20 -7.29 25.93 -10.08
N ILE C 21 -6.19 25.90 -9.35
CA ILE C 21 -5.48 24.65 -9.10
C ILE C 21 -6.34 23.74 -8.22
N TYR C 22 -6.86 24.32 -7.14
CA TYR C 22 -7.71 23.58 -6.21
C TYR C 22 -8.94 23.02 -6.92
N ASN C 23 -9.62 23.87 -7.69
CA ASN C 23 -10.80 23.42 -8.40
C ASN C 23 -10.51 22.35 -9.44
N ASP C 24 -9.36 22.42 -10.10
CA ASP C 24 -9.01 21.40 -11.08
C ASP C 24 -8.91 20.03 -10.40
N ALA C 25 -8.22 19.99 -9.26
CA ALA C 25 -8.04 18.73 -8.52
C ALA C 25 -9.39 18.19 -8.04
N VAL C 26 -10.28 19.10 -7.65
CA VAL C 26 -11.60 18.71 -7.19
C VAL C 26 -12.40 18.02 -8.27
N VAL C 27 -12.29 18.54 -9.49
CA VAL C 27 -13.02 18.00 -10.63
C VAL C 27 -12.41 16.80 -11.34
N ASN C 28 -11.10 16.80 -11.53
CA ASN C 28 -10.43 15.71 -12.25
C ASN C 28 -9.60 14.72 -11.45
N THR C 29 -9.30 15.00 -10.17
CA THR C 29 -8.46 14.08 -9.42
C THR C 29 -9.04 13.53 -8.13
N THR C 30 -8.27 12.68 -7.47
CA THR C 30 -8.68 12.10 -6.19
C THR C 30 -7.85 12.75 -5.09
N ALA C 31 -7.24 13.89 -5.40
CA ALA C 31 -6.44 14.59 -4.41
C ALA C 31 -7.32 15.20 -3.32
N ILE C 32 -8.57 15.48 -3.68
CA ILE C 32 -9.56 16.08 -2.77
C ILE C 32 -10.82 15.21 -2.78
N TRP C 33 -11.26 14.75 -1.61
CA TRP C 33 -12.42 13.89 -1.54
C TRP C 33 -13.78 14.57 -1.33
N ASN C 34 -14.19 15.30 -2.35
CA ASN C 34 -15.48 15.98 -2.38
C ASN C 34 -15.60 16.57 -3.78
N GLU C 35 -16.72 17.22 -4.07
CA GLU C 35 -16.91 17.77 -5.40
C GLU C 35 -17.28 19.25 -5.38
N VAL C 36 -17.12 19.89 -4.23
CA VAL C 36 -17.46 21.30 -4.13
C VAL C 36 -16.33 22.23 -4.56
N VAL C 37 -16.59 23.01 -5.60
CA VAL C 37 -15.62 23.96 -6.11
C VAL C 37 -15.63 25.17 -5.19
N VAL C 38 -14.55 25.92 -5.19
CA VAL C 38 -14.46 27.09 -4.32
C VAL C 38 -14.24 28.37 -5.12
N ASP C 39 -14.75 29.49 -4.59
CA ASP C 39 -14.57 30.76 -5.27
C ASP C 39 -13.57 31.62 -4.53
N LEU C 40 -13.31 32.81 -5.06
CA LEU C 40 -12.35 33.71 -4.45
C LEU C 40 -12.62 33.95 -2.97
N GLU C 41 -13.89 34.15 -2.64
CA GLU C 41 -14.29 34.41 -1.25
C GLU C 41 -13.92 33.24 -0.35
N ASN C 42 -14.19 32.03 -0.83
CA ASN C 42 -13.87 30.84 -0.07
C ASN C 42 -12.37 30.81 0.20
N ARG C 43 -11.56 31.12 -0.81
CA ARG C 43 -10.11 31.11 -0.65
C ARG C 43 -9.66 32.29 0.20
N LYS C 44 -10.35 33.41 0.09
CA LYS C 44 -10.01 34.60 0.86
C LYS C 44 -10.06 34.33 2.35
N ASP C 45 -11.11 33.66 2.80
CA ASP C 45 -11.27 33.34 4.21
C ASP C 45 -10.34 32.21 4.60
N TRP C 46 -10.23 31.22 3.72
CA TRP C 46 -9.36 30.08 3.93
C TRP C 46 -7.96 30.60 4.24
N PHE C 47 -7.45 31.47 3.37
CA PHE C 47 -6.13 32.06 3.53
C PHE C 47 -6.00 32.80 4.87
N ALA C 48 -6.96 33.67 5.14
CA ALA C 48 -6.99 34.44 6.37
C ALA C 48 -6.87 33.54 7.60
N ALA C 49 -7.70 32.51 7.64
CA ALA C 49 -7.71 31.57 8.75
C ALA C 49 -6.34 30.92 8.97
N ARG C 50 -5.80 30.28 7.92
CA ARG C 50 -4.49 29.64 8.04
C ARG C 50 -3.44 30.59 8.57
N THR C 51 -3.43 31.82 8.05
CA THR C 51 -2.47 32.84 8.49
C THR C 51 -2.64 33.14 9.98
N SER C 52 -3.89 33.19 10.44
CA SER C 52 -4.18 33.47 11.84
C SER C 52 -3.73 32.34 12.75
N ARG C 53 -3.78 31.12 12.23
CA ARG C 53 -3.36 29.95 12.98
C ARG C 53 -1.85 29.80 12.92
N GLY C 54 -1.20 30.66 12.14
CA GLY C 54 0.24 30.59 12.01
C GLY C 54 0.65 29.51 11.03
N PHE C 55 -0.33 29.00 10.28
CA PHE C 55 -0.07 27.96 9.28
C PHE C 55 0.44 28.62 8.00
N PRO C 56 1.41 27.97 7.33
CA PRO C 56 1.97 28.51 6.10
C PRO C 56 1.14 28.23 4.85
N VAL C 57 1.24 29.15 3.89
CA VAL C 57 0.56 29.04 2.61
C VAL C 57 1.62 29.49 1.60
N ILE C 58 2.36 28.52 1.08
CA ILE C 58 3.44 28.78 0.13
C ILE C 58 3.03 28.51 -1.32
N VAL C 59 3.50 29.36 -2.23
CA VAL C 59 3.21 29.21 -3.65
C VAL C 59 4.49 29.09 -4.46
N ALA C 60 4.42 28.35 -5.55
CA ALA C 60 5.56 28.20 -6.44
C ALA C 60 5.24 29.07 -7.66
N ILE C 61 6.10 30.05 -7.93
CA ILE C 61 5.88 30.93 -9.07
C ILE C 61 6.73 30.52 -10.26
N LEU C 62 6.08 30.31 -11.40
CA LEU C 62 6.77 29.93 -12.62
C LEU C 62 6.22 30.79 -13.76
N ASP C 63 7.11 31.57 -14.39
CA ASP C 63 6.71 32.44 -15.49
C ASP C 63 5.63 33.45 -15.08
N GLY C 64 5.78 34.04 -13.90
CA GLY C 64 4.81 35.02 -13.44
C GLY C 64 3.44 34.48 -13.09
N LYS C 65 3.33 33.16 -12.93
CA LYS C 65 2.07 32.51 -12.59
C LYS C 65 2.21 31.47 -11.48
N VAL C 66 1.11 31.11 -10.86
CA VAL C 66 1.15 30.12 -9.79
C VAL C 66 1.23 28.72 -10.39
N ALA C 67 2.38 28.06 -10.22
CA ALA C 67 2.58 26.72 -10.74
C ALA C 67 2.33 25.70 -9.65
N GLY C 68 1.93 26.18 -8.47
CA GLY C 68 1.66 25.28 -7.37
C GLY C 68 1.62 25.96 -6.02
N TYR C 69 1.01 25.30 -5.04
CA TYR C 69 0.97 25.85 -3.70
C TYR C 69 0.92 24.71 -2.70
N ALA C 70 1.25 25.03 -1.46
CA ALA C 70 1.27 24.03 -0.41
C ALA C 70 0.89 24.66 0.93
N SER C 71 0.45 23.83 1.87
CA SER C 71 0.05 24.30 3.18
C SER C 71 -0.22 23.12 4.10
N TYR C 72 -0.52 23.41 5.36
CA TYR C 72 -0.85 22.37 6.32
C TYR C 72 -1.72 22.95 7.40
N GLY C 73 -2.45 22.08 8.07
CA GLY C 73 -3.33 22.52 9.14
C GLY C 73 -3.53 21.38 10.11
N ASP C 74 -4.61 21.44 10.89
CA ASP C 74 -4.89 20.41 11.86
C ASP C 74 -5.15 19.06 11.19
N TRP C 75 -4.78 18.00 11.88
CA TRP C 75 -5.01 16.66 11.37
C TRP C 75 -6.34 16.26 12.03
N ARG C 76 -6.46 16.55 13.33
CA ARG C 76 -7.68 16.27 14.09
C ARG C 76 -7.98 17.47 15.01
N ALA C 77 -9.25 17.69 15.32
CA ALA C 77 -9.68 18.84 16.14
C ALA C 77 -9.30 18.86 17.62
N PHE C 78 -8.87 17.74 18.18
CA PHE C 78 -8.51 17.71 19.60
C PHE C 78 -7.18 18.36 19.90
N ASP C 79 -7.16 19.18 20.94
CA ASP C 79 -5.94 19.90 21.31
C ASP C 79 -4.79 18.94 21.65
N GLY C 80 -5.10 17.66 21.85
CA GLY C 80 -4.07 16.69 22.14
C GLY C 80 -3.21 16.44 20.92
N TYR C 81 -3.75 16.71 19.74
CA TYR C 81 -3.00 16.52 18.49
C TYR C 81 -2.29 17.81 18.08
N ARG C 82 -2.17 18.70 19.06
CA ARG C 82 -1.53 20.00 18.92
C ARG C 82 -0.26 20.02 18.07
N HIS C 83 0.60 19.04 18.28
CA HIS C 83 1.86 18.98 17.55
C HIS C 83 1.86 18.17 16.26
N THR C 84 0.67 17.76 15.81
CA THR C 84 0.54 17.00 14.58
C THR C 84 -0.24 17.80 13.56
N ARG C 85 0.28 17.85 12.34
CA ARG C 85 -0.37 18.61 11.28
C ARG C 85 -0.45 17.77 10.00
N GLU C 86 -1.49 18.02 9.20
CA GLU C 86 -1.66 17.33 7.93
C GLU C 86 -1.41 18.37 6.84
N HIS C 87 -0.44 18.09 5.98
CA HIS C 87 -0.07 18.99 4.90
C HIS C 87 -0.67 18.61 3.55
N SER C 88 -0.68 19.58 2.64
CA SER C 88 -1.19 19.40 1.27
C SER C 88 -0.30 20.15 0.31
N VAL C 89 0.00 19.52 -0.82
CA VAL C 89 0.83 20.10 -1.87
C VAL C 89 0.12 19.92 -3.21
N TYR C 90 -0.10 21.02 -3.92
CA TYR C 90 -0.76 20.97 -5.22
C TYR C 90 0.08 21.58 -6.32
N VAL C 91 0.35 20.80 -7.37
CA VAL C 91 1.13 21.30 -8.49
C VAL C 91 0.21 21.48 -9.68
N HIS C 92 0.28 22.66 -10.32
CA HIS C 92 -0.56 22.93 -11.46
C HIS C 92 -0.39 21.86 -12.55
N LYS C 93 -1.51 21.49 -13.15
CA LYS C 93 -1.58 20.48 -14.20
C LYS C 93 -0.63 20.75 -15.38
N ASP C 94 -0.28 22.02 -15.58
CA ASP C 94 0.59 22.38 -16.68
C ASP C 94 2.01 22.72 -16.26
N ALA C 95 2.36 22.40 -15.02
CA ALA C 95 3.70 22.70 -14.53
C ALA C 95 4.32 21.49 -13.87
N ARG C 96 3.86 20.31 -14.26
CA ARG C 96 4.35 19.05 -13.71
C ARG C 96 5.74 18.70 -14.27
N GLY C 97 6.47 17.87 -13.54
CA GLY C 97 7.79 17.46 -13.98
C GLY C 97 8.90 18.46 -13.79
N HIS C 98 8.67 19.49 -12.98
CA HIS C 98 9.68 20.51 -12.74
C HIS C 98 10.21 20.44 -11.31
N GLY C 99 9.91 19.34 -10.60
CA GLY C 99 10.38 19.19 -9.24
C GLY C 99 9.79 20.17 -8.25
N ILE C 100 8.67 20.79 -8.62
CA ILE C 100 8.00 21.76 -7.75
C ILE C 100 7.36 21.09 -6.53
N GLY C 101 6.73 19.94 -6.76
CA GLY C 101 6.07 19.24 -5.68
C GLY C 101 7.01 18.98 -4.50
N LYS C 102 8.21 18.52 -4.81
CA LYS C 102 9.20 18.21 -3.78
C LYS C 102 9.71 19.46 -3.08
N ARG C 103 9.93 20.54 -3.83
CA ARG C 103 10.41 21.78 -3.23
C ARG C 103 9.33 22.39 -2.31
N LEU C 104 8.08 22.31 -2.73
CA LEU C 104 6.99 22.83 -1.91
C LEU C 104 6.90 22.00 -0.63
N GLN C 106 9.11 20.17 0.81
CA GLN C 106 10.30 20.39 1.64
C GLN C 106 10.18 21.74 2.36
N ALA C 107 9.50 22.70 1.72
CA ALA C 107 9.30 24.01 2.31
C ALA C 107 8.39 23.90 3.52
N LEU C 108 7.39 23.04 3.41
CA LEU C 108 6.45 22.84 4.50
C LEU C 108 7.15 22.16 5.67
N ILE C 109 7.95 21.16 5.36
CA ILE C 109 8.68 20.41 6.36
C ILE C 109 9.58 21.33 7.17
N ASP C 110 10.25 22.25 6.47
CA ASP C 110 11.14 23.19 7.13
C ASP C 110 10.38 24.16 8.01
N HIS C 111 9.21 24.60 7.54
CA HIS C 111 8.39 25.53 8.31
C HIS C 111 7.84 24.81 9.55
N ALA C 112 7.34 23.59 9.36
CA ALA C 112 6.81 22.81 10.46
C ALA C 112 7.87 22.60 11.53
N GLY C 113 9.09 22.29 11.10
CA GLY C 113 10.17 22.05 12.03
C GLY C 113 10.44 23.23 12.95
N GLY C 114 10.19 24.44 12.45
CA GLY C 114 10.40 25.63 13.25
C GLY C 114 9.11 26.24 13.77
N ASN C 115 8.04 25.44 13.75
CA ASN C 115 6.73 25.88 14.21
C ASN C 115 6.15 24.92 15.25
N ASP C 116 7.03 24.32 16.04
CA ASP C 116 6.63 23.40 17.09
C ASP C 116 5.82 22.21 16.58
N VAL C 117 6.07 21.79 15.35
CA VAL C 117 5.36 20.64 14.78
C VAL C 117 6.22 19.41 15.00
N HIS C 118 5.62 18.38 15.58
CA HIS C 118 6.34 17.15 15.86
C HIS C 118 6.11 16.09 14.79
N VAL C 119 4.91 16.03 14.23
CA VAL C 119 4.60 15.04 13.21
C VAL C 119 3.76 15.58 12.05
N LEU C 120 4.21 15.29 10.84
CA LEU C 120 3.45 15.69 9.66
C LEU C 120 2.81 14.41 9.15
N ILE C 121 1.51 14.48 8.86
CA ILE C 121 0.77 13.32 8.38
C ILE C 121 0.28 13.56 6.96
N ALA C 122 0.32 12.51 6.14
CA ALA C 122 -0.16 12.63 4.79
C ALA C 122 -1.26 11.59 4.57
N ALA C 123 -2.32 12.00 3.88
CA ALA C 123 -3.45 11.11 3.57
C ALA C 123 -3.52 11.06 2.06
N ILE C 124 -2.98 9.99 1.50
CA ILE C 124 -2.90 9.83 0.05
C ILE C 124 -3.83 8.77 -0.50
N GLU C 125 -4.55 9.07 -1.58
CA GLU C 125 -5.43 8.09 -2.17
C GLU C 125 -4.46 6.95 -2.54
N ALA C 126 -4.72 5.77 -2.01
CA ALA C 126 -3.88 4.58 -2.17
C ALA C 126 -3.28 4.27 -3.53
N GLU C 127 -4.00 4.55 -4.61
CA GLU C 127 -3.48 4.27 -5.94
C GLU C 127 -2.56 5.36 -6.49
N ASN C 128 -2.47 6.49 -5.79
CA ASN C 128 -1.61 7.56 -6.25
C ASN C 128 -0.15 7.24 -5.89
N THR C 129 0.44 6.32 -6.64
CA THR C 129 1.81 5.88 -6.42
C THR C 129 2.84 7.01 -6.52
N ALA C 130 2.65 7.89 -7.48
CA ALA C 130 3.57 9.00 -7.65
C ALA C 130 3.58 9.85 -6.39
N SER C 131 2.42 10.09 -5.78
CA SER C 131 2.37 10.90 -4.58
C SER C 131 3.05 10.16 -3.42
N ILE C 132 2.83 8.85 -3.34
CA ILE C 132 3.46 8.07 -2.29
C ILE C 132 4.99 8.12 -2.39
N ARG C 133 5.50 7.96 -3.61
CA ARG C 133 6.94 7.99 -3.86
C ARG C 133 7.51 9.36 -3.51
N LEU C 134 6.76 10.42 -3.82
CA LEU C 134 7.23 11.76 -3.51
C LEU C 134 7.39 11.89 -2.00
N HIS C 135 6.40 11.46 -1.24
CA HIS C 135 6.48 11.54 0.22
C HIS C 135 7.59 10.66 0.77
N GLU C 136 7.79 9.50 0.16
CA GLU C 136 8.84 8.59 0.62
C GLU C 136 10.21 9.24 0.44
N SER C 137 10.40 9.93 -0.68
CA SER C 137 11.69 10.56 -0.96
C SER C 137 11.98 11.71 0.01
N LEU C 138 11.00 12.07 0.84
CA LEU C 138 11.21 13.15 1.81
C LEU C 138 11.16 12.66 3.26
N GLY C 139 11.28 11.35 3.43
CA GLY C 139 11.27 10.78 4.77
C GLY C 139 9.96 10.21 5.29
N PHE C 140 8.85 10.47 4.59
CA PHE C 140 7.58 9.93 5.05
C PHE C 140 7.57 8.42 5.01
N ARG C 141 6.92 7.80 6.00
CA ARG C 141 6.84 6.35 6.05
C ARG C 141 5.38 5.89 6.18
N VAL C 142 5.05 4.78 5.56
CA VAL C 142 3.68 4.26 5.61
C VAL C 142 3.23 3.83 7.00
N VAL C 143 2.00 4.23 7.35
CA VAL C 143 1.42 3.87 8.64
C VAL C 143 0.45 2.72 8.41
N GLY C 144 -0.35 2.85 7.36
CA GLY C 144 -1.33 1.82 7.03
C GLY C 144 -2.26 2.29 5.93
N ARG C 145 -3.15 1.41 5.48
CA ARG C 145 -4.08 1.75 4.41
C ARG C 145 -5.52 1.40 4.76
N PHE C 146 -6.36 2.43 4.81
CA PHE C 146 -7.78 2.26 5.11
C PHE C 146 -8.49 1.83 3.84
N SER C 147 -9.32 0.80 3.95
CA SER C 147 -10.03 0.25 2.80
C SER C 147 -11.42 0.82 2.50
N GLU C 148 -11.60 1.28 1.27
CA GLU C 148 -12.86 1.80 0.80
C GLU C 148 -13.51 2.81 1.74
N VAL C 149 -12.69 3.68 2.33
CA VAL C 149 -13.20 4.67 3.25
C VAL C 149 -13.67 5.92 2.52
N GLY C 150 -13.47 5.94 1.21
CA GLY C 150 -13.89 7.09 0.43
C GLY C 150 -14.55 6.67 -0.86
N THR C 151 -15.22 7.61 -1.51
CA THR C 151 -15.88 7.34 -2.77
C THR C 151 -15.85 8.57 -3.67
N LYS C 152 -15.57 8.35 -4.94
CA LYS C 152 -15.53 9.40 -5.94
C LYS C 152 -15.48 8.76 -7.32
N PHE C 153 -16.02 9.48 -8.31
CA PHE C 153 -16.07 9.00 -9.68
C PHE C 153 -16.79 7.66 -9.78
N GLY C 154 -17.69 7.44 -8.84
CA GLY C 154 -18.46 6.21 -8.84
C GLY C 154 -17.72 4.98 -8.36
N ARG C 155 -16.70 5.15 -7.54
CA ARG C 155 -15.98 3.98 -7.05
C ARG C 155 -15.43 4.16 -5.65
N TRP C 156 -15.13 3.05 -5.00
CA TRP C 156 -14.57 3.06 -3.64
C TRP C 156 -13.12 3.49 -3.73
N LEU C 157 -12.66 4.23 -2.72
CA LEU C 157 -11.28 4.68 -2.70
C LEU C 157 -10.62 4.29 -1.38
N ASP C 158 -9.34 3.92 -1.44
CA ASP C 158 -8.62 3.56 -0.23
C ASP C 158 -7.75 4.75 0.19
N LEU C 159 -7.42 4.83 1.47
CA LEU C 159 -6.60 5.93 1.95
C LEU C 159 -5.35 5.41 2.63
N THR C 160 -4.20 5.69 2.05
CA THR C 160 -2.95 5.26 2.65
C THR C 160 -2.38 6.44 3.41
N CYS C 161 -2.11 6.23 4.69
CA CYS C 161 -1.56 7.30 5.49
C CYS C 161 -0.09 7.10 5.77
N GLU C 163 3.55 9.11 7.72
CA GLU C 163 3.92 10.05 8.77
C GLU C 163 5.39 10.41 8.67
N LEU C 164 5.71 11.61 9.11
CA LEU C 164 7.09 12.09 9.12
C LEU C 164 7.32 12.73 10.48
N LYS C 165 8.17 12.12 11.29
CA LYS C 165 8.49 12.65 12.61
C LYS C 165 9.59 13.69 12.44
N LEU C 166 9.37 14.89 12.97
CA LEU C 166 10.36 15.96 12.86
C LEU C 166 11.18 16.06 14.13
N SER D 4 -28.93 -7.79 33.47
CA SER D 4 -30.05 -6.86 33.78
C SER D 4 -29.84 -5.48 33.16
N VAL D 5 -28.78 -5.32 32.38
CA VAL D 5 -28.50 -4.03 31.74
C VAL D 5 -29.27 -3.94 30.42
N GLU D 6 -29.86 -2.78 30.15
CA GLU D 6 -30.61 -2.57 28.92
C GLU D 6 -30.06 -1.40 28.13
N LEU D 7 -30.00 -1.57 26.81
CA LEU D 7 -29.51 -0.54 25.89
C LEU D 7 -30.68 0.12 25.18
N ARG D 8 -30.59 1.43 24.98
CA ARG D 8 -31.64 2.19 24.31
C ARG D 8 -31.13 3.55 23.84
N ASP D 9 -31.94 4.22 23.04
CA ASP D 9 -31.59 5.55 22.54
C ASP D 9 -31.50 6.48 23.74
N ALA D 10 -30.56 7.40 23.69
CA ALA D 10 -30.35 8.36 24.76
C ALA D 10 -31.15 9.62 24.49
N THR D 11 -31.56 10.30 25.56
CA THR D 11 -32.30 11.54 25.40
C THR D 11 -31.57 12.60 26.21
N VAL D 12 -32.05 13.83 26.14
CA VAL D 12 -31.43 14.93 26.87
C VAL D 12 -31.28 14.56 28.33
N ASP D 13 -32.18 13.71 28.83
CA ASP D 13 -32.16 13.27 30.23
C ASP D 13 -30.96 12.41 30.59
N ASP D 14 -30.34 11.79 29.58
CA ASP D 14 -29.18 10.92 29.82
C ASP D 14 -27.85 11.64 29.72
N LEU D 15 -27.88 12.89 29.26
CA LEU D 15 -26.65 13.65 29.12
C LEU D 15 -25.85 13.76 30.42
N SER D 16 -26.55 13.88 31.55
CA SER D 16 -25.87 13.99 32.83
C SER D 16 -25.09 12.73 33.19
N GLY D 17 -25.69 11.57 32.94
CA GLY D 17 -25.03 10.32 33.25
C GLY D 17 -23.93 10.03 32.25
N ILE D 18 -24.08 10.55 31.04
CA ILE D 18 -23.08 10.36 30.00
C ILE D 18 -21.87 11.23 30.30
N GLU D 20 -20.76 12.29 33.20
CA GLU D 20 -19.94 11.80 34.29
C GLU D 20 -18.88 10.80 33.81
N ILE D 21 -19.29 9.91 32.91
CA ILE D 21 -18.38 8.92 32.36
C ILE D 21 -17.37 9.59 31.44
N TYR D 22 -17.84 10.53 30.64
CA TYR D 22 -17.00 11.26 29.71
C TYR D 22 -15.89 12.02 30.44
N ASN D 23 -16.27 12.84 31.43
CA ASN D 23 -15.29 13.62 32.18
C ASN D 23 -14.27 12.78 32.92
N ASP D 24 -14.71 11.66 33.49
CA ASP D 24 -13.79 10.79 34.20
C ASP D 24 -12.76 10.25 33.22
N ALA D 25 -13.18 10.00 31.99
CA ALA D 25 -12.28 9.50 30.97
C ALA D 25 -11.30 10.60 30.58
N VAL D 26 -11.81 11.81 30.44
CA VAL D 26 -10.97 12.96 30.07
C VAL D 26 -9.88 13.21 31.10
N VAL D 27 -10.25 13.09 32.37
CA VAL D 27 -9.31 13.36 33.44
C VAL D 27 -8.37 12.19 33.78
N ASN D 28 -8.90 10.98 33.73
CA ASN D 28 -8.11 9.82 34.12
C ASN D 28 -7.62 8.82 33.07
N THR D 29 -7.99 9.02 31.81
CA THR D 29 -7.56 8.09 30.77
C THR D 29 -7.05 8.78 29.51
N THR D 30 -6.72 7.96 28.52
CA THR D 30 -6.25 8.45 27.23
C THR D 30 -7.35 8.23 26.20
N ALA D 31 -8.55 7.88 26.67
CA ALA D 31 -9.68 7.64 25.76
C ALA D 31 -10.08 8.91 25.01
N ILE D 32 -9.78 10.07 25.59
CA ILE D 32 -10.11 11.35 24.97
C ILE D 32 -8.87 12.23 25.07
N TRP D 33 -8.33 12.63 23.93
CA TRP D 33 -7.10 13.40 23.90
C TRP D 33 -7.18 14.92 24.11
N ASN D 34 -7.56 15.30 25.34
CA ASN D 34 -7.65 16.70 25.76
C ASN D 34 -7.99 16.71 27.25
N GLU D 35 -7.81 17.86 27.89
CA GLU D 35 -8.09 17.98 29.31
C GLU D 35 -9.33 18.82 29.59
N VAL D 36 -10.18 18.98 28.59
CA VAL D 36 -11.38 19.78 28.74
C VAL D 36 -12.50 19.07 29.51
N VAL D 37 -12.63 19.42 30.79
CA VAL D 37 -13.68 18.83 31.62
C VAL D 37 -14.96 19.57 31.24
N VAL D 38 -15.82 18.87 30.52
CA VAL D 38 -17.08 19.41 30.04
C VAL D 38 -18.18 19.52 31.08
N ASP D 39 -19.14 20.41 30.81
CA ASP D 39 -20.27 20.59 31.70
C ASP D 39 -21.52 20.23 30.91
N LEU D 40 -22.64 20.07 31.60
CA LEU D 40 -23.90 19.69 30.97
C LEU D 40 -24.23 20.41 29.67
N GLU D 41 -24.20 21.74 29.71
CA GLU D 41 -24.53 22.53 28.53
C GLU D 41 -23.73 22.08 27.32
N ASN D 42 -22.45 21.85 27.53
CA ASN D 42 -21.57 21.43 26.46
C ASN D 42 -21.97 20.10 25.85
N ARG D 43 -22.41 19.16 26.69
CA ARG D 43 -22.82 17.86 26.20
C ARG D 43 -24.11 18.00 25.39
N LYS D 44 -24.89 19.04 25.67
CA LYS D 44 -26.13 19.25 24.94
C LYS D 44 -25.87 19.56 23.47
N ASP D 45 -24.98 20.52 23.19
CA ASP D 45 -24.68 20.86 21.81
C ASP D 45 -24.16 19.61 21.10
N TRP D 46 -23.32 18.86 21.81
CA TRP D 46 -22.75 17.61 21.30
C TRP D 46 -23.89 16.68 20.89
N PHE D 47 -24.85 16.53 21.78
CA PHE D 47 -26.01 15.67 21.52
C PHE D 47 -26.81 16.21 20.34
N ALA D 48 -27.05 17.52 20.33
CA ALA D 48 -27.82 18.15 19.26
C ALA D 48 -27.14 17.90 17.91
N ALA D 49 -25.84 18.20 17.85
CA ALA D 49 -25.05 18.02 16.63
C ALA D 49 -25.18 16.61 16.07
N ARG D 50 -25.03 15.61 16.94
CA ARG D 50 -25.11 14.21 16.53
C ARG D 50 -26.52 13.83 16.08
N THR D 51 -27.53 14.21 16.86
CA THR D 51 -28.91 13.88 16.52
C THR D 51 -29.32 14.54 15.21
N SER D 52 -28.80 15.73 14.96
CA SER D 52 -29.12 16.47 13.74
C SER D 52 -28.60 15.74 12.50
N ARG D 53 -27.38 15.22 12.61
CA ARG D 53 -26.74 14.50 11.52
C ARG D 53 -27.30 13.10 11.35
N GLY D 54 -28.25 12.75 12.22
CA GLY D 54 -28.86 11.44 12.15
C GLY D 54 -27.99 10.39 12.81
N PHE D 55 -26.93 10.83 13.49
CA PHE D 55 -26.03 9.90 14.16
C PHE D 55 -26.65 9.40 15.46
N PRO D 56 -26.39 8.15 15.82
CA PRO D 56 -26.93 7.56 17.04
C PRO D 56 -26.15 7.89 18.32
N VAL D 57 -26.85 7.79 19.44
CA VAL D 57 -26.26 8.02 20.76
C VAL D 57 -26.96 7.02 21.65
N ILE D 58 -26.32 5.86 21.82
CA ILE D 58 -26.85 4.77 22.62
C ILE D 58 -26.26 4.71 24.03
N VAL D 59 -27.12 4.43 25.00
CA VAL D 59 -26.69 4.32 26.38
C VAL D 59 -27.05 2.96 26.98
N ALA D 60 -26.23 2.50 27.92
CA ALA D 60 -26.46 1.23 28.60
C ALA D 60 -26.95 1.59 30.00
N ILE D 61 -28.18 1.20 30.31
CA ILE D 61 -28.74 1.52 31.61
C ILE D 61 -28.66 0.35 32.58
N LEU D 62 -28.01 0.59 33.72
CA LEU D 62 -27.86 -0.44 34.73
C LEU D 62 -28.19 0.16 36.09
N ASP D 63 -29.03 -0.53 36.86
CA ASP D 63 -29.41 -0.06 38.17
C ASP D 63 -29.93 1.38 38.09
N GLY D 64 -30.72 1.66 37.06
CA GLY D 64 -31.27 2.98 36.87
C GLY D 64 -30.24 4.07 36.61
N LYS D 65 -29.00 3.68 36.35
CA LYS D 65 -27.94 4.65 36.10
C LYS D 65 -27.31 4.40 34.73
N VAL D 66 -26.66 5.42 34.17
CA VAL D 66 -26.00 5.27 32.88
C VAL D 66 -24.67 4.56 33.16
N ALA D 67 -24.56 3.30 32.77
CA ALA D 67 -23.35 2.52 32.99
C ALA D 67 -22.44 2.52 31.76
N GLY D 68 -22.82 3.28 30.74
CA GLY D 68 -22.03 3.35 29.53
C GLY D 68 -22.80 3.93 28.35
N TYR D 69 -22.07 4.36 27.33
CA TYR D 69 -22.71 4.91 26.15
C TYR D 69 -21.79 4.79 24.95
N ALA D 70 -22.38 4.85 23.77
CA ALA D 70 -21.65 4.72 22.52
C ALA D 70 -22.27 5.63 21.45
N SER D 71 -21.49 5.92 20.41
CA SER D 71 -21.97 6.78 19.34
C SER D 71 -20.91 6.90 18.25
N TYR D 72 -21.30 7.43 17.09
CA TYR D 72 -20.33 7.63 16.04
C TYR D 72 -20.66 8.89 15.26
N GLY D 73 -19.65 9.43 14.58
CA GLY D 73 -19.84 10.64 13.81
C GLY D 73 -18.87 10.62 12.63
N ASP D 74 -18.66 11.77 12.00
CA ASP D 74 -17.74 11.82 10.88
C ASP D 74 -16.34 11.41 11.30
N TRP D 75 -15.59 10.85 10.37
CA TRP D 75 -14.22 10.47 10.59
C TRP D 75 -13.41 11.63 10.01
N ARG D 76 -13.91 12.14 8.89
CA ARG D 76 -13.30 13.27 8.20
C ARG D 76 -14.41 14.14 7.64
N ALA D 77 -14.32 15.45 7.89
CA ALA D 77 -15.34 16.40 7.43
C ALA D 77 -15.32 16.61 5.93
N PHE D 78 -15.24 15.52 5.17
CA PHE D 78 -15.22 15.59 3.71
C PHE D 78 -16.35 14.70 3.19
N ASP D 79 -17.12 15.21 2.25
CA ASP D 79 -18.24 14.45 1.69
C ASP D 79 -17.85 13.11 1.07
N GLY D 80 -16.61 13.01 0.60
CA GLY D 80 -16.17 11.76 0.02
C GLY D 80 -16.17 10.64 1.03
N TYR D 81 -16.19 10.99 2.32
CA TYR D 81 -16.21 9.99 3.39
C TYR D 81 -17.61 9.73 3.92
N ARG D 82 -18.62 10.07 3.12
CA ARG D 82 -20.03 9.88 3.48
C ARG D 82 -20.36 8.56 4.16
N HIS D 83 -19.80 7.47 3.62
CA HIS D 83 -20.06 6.12 4.14
C HIS D 83 -19.07 5.63 5.19
N THR D 84 -18.24 6.53 5.70
CA THR D 84 -17.26 6.18 6.73
C THR D 84 -17.53 6.96 8.00
N ARG D 85 -17.64 6.25 9.11
CA ARG D 85 -17.89 6.89 10.40
C ARG D 85 -16.93 6.39 11.47
N GLU D 86 -16.62 7.26 12.43
CA GLU D 86 -15.74 6.92 13.53
C GLU D 86 -16.63 6.77 14.75
N HIS D 87 -16.47 5.67 15.48
CA HIS D 87 -17.29 5.40 16.67
C HIS D 87 -16.50 5.46 17.96
N SER D 88 -17.23 5.65 19.06
CA SER D 88 -16.64 5.73 20.38
C SER D 88 -17.52 4.99 21.37
N VAL D 89 -16.91 4.27 22.29
CA VAL D 89 -17.63 3.52 23.30
C VAL D 89 -17.01 3.75 24.67
N TYR D 90 -17.85 4.03 25.65
CA TYR D 90 -17.37 4.26 27.02
C TYR D 90 -18.20 3.45 27.99
N VAL D 91 -17.53 2.84 28.95
CA VAL D 91 -18.20 2.05 29.97
C VAL D 91 -17.84 2.69 31.30
N HIS D 92 -18.84 2.88 32.15
CA HIS D 92 -18.63 3.48 33.45
C HIS D 92 -17.56 2.74 34.24
N LYS D 93 -16.66 3.51 34.84
CA LYS D 93 -15.57 3.00 35.65
C LYS D 93 -15.98 1.87 36.60
N ASP D 94 -17.19 1.97 37.16
CA ASP D 94 -17.69 0.97 38.11
C ASP D 94 -18.57 -0.12 37.54
N ALA D 95 -18.70 -0.17 36.21
CA ALA D 95 -19.53 -1.18 35.58
C ALA D 95 -18.77 -2.02 34.56
N ARG D 96 -17.45 -2.03 34.67
CA ARG D 96 -16.64 -2.81 33.74
C ARG D 96 -16.63 -4.29 34.11
N GLY D 97 -16.36 -5.14 33.12
CA GLY D 97 -16.32 -6.57 33.35
C GLY D 97 -17.67 -7.25 33.22
N HIS D 98 -18.65 -6.51 32.67
CA HIS D 98 -19.99 -7.04 32.51
C HIS D 98 -20.30 -7.39 31.05
N GLY D 99 -19.53 -6.83 30.12
CA GLY D 99 -19.75 -7.10 28.72
C GLY D 99 -20.53 -5.98 28.06
N ILE D 100 -20.67 -4.88 28.79
CA ILE D 100 -21.40 -3.71 28.30
C ILE D 100 -20.73 -3.11 27.07
N GLY D 101 -19.40 -3.05 27.12
CA GLY D 101 -18.65 -2.49 26.01
C GLY D 101 -18.97 -3.18 24.70
N LYS D 102 -18.94 -4.51 24.70
CA LYS D 102 -19.22 -5.27 23.49
C LYS D 102 -20.65 -5.08 23.01
N ARG D 103 -21.59 -5.02 23.95
CA ARG D 103 -23.00 -4.84 23.61
C ARG D 103 -23.25 -3.47 22.98
N LEU D 104 -22.53 -2.46 23.47
CA LEU D 104 -22.66 -1.10 22.95
C LEU D 104 -22.11 -1.00 21.53
N GLN D 106 -21.69 -3.43 19.38
CA GLN D 106 -22.51 -4.22 18.46
C GLN D 106 -23.70 -3.38 18.03
N ALA D 107 -24.31 -2.69 18.99
CA ALA D 107 -25.47 -1.86 18.71
C ALA D 107 -25.14 -0.78 17.68
N LEU D 108 -23.93 -0.24 17.74
CA LEU D 108 -23.51 0.79 16.79
C LEU D 108 -23.30 0.19 15.41
N ILE D 109 -22.78 -1.03 15.39
CA ILE D 109 -22.53 -1.71 14.14
C ILE D 109 -23.86 -1.95 13.42
N ASP D 110 -24.86 -2.40 14.16
CA ASP D 110 -26.18 -2.66 13.57
C ASP D 110 -26.80 -1.38 13.06
N HIS D 111 -26.67 -0.31 13.84
CA HIS D 111 -27.23 0.96 13.45
C HIS D 111 -26.55 1.50 12.21
N ALA D 112 -25.21 1.43 12.20
CA ALA D 112 -24.46 1.92 11.05
C ALA D 112 -24.80 1.08 9.82
N GLY D 113 -24.94 -0.24 10.02
CA GLY D 113 -25.27 -1.13 8.93
C GLY D 113 -26.57 -0.75 8.22
N GLY D 114 -27.46 -0.12 8.98
CA GLY D 114 -28.73 0.30 8.42
C GLY D 114 -28.78 1.78 8.12
N ASN D 115 -27.76 2.53 8.50
CA ASN D 115 -27.74 3.98 8.25
C ASN D 115 -26.80 4.36 7.13
N ASP D 116 -26.67 3.46 6.16
CA ASP D 116 -25.83 3.65 4.98
C ASP D 116 -24.35 3.84 5.31
N VAL D 117 -23.87 3.10 6.31
CA VAL D 117 -22.47 3.18 6.71
C VAL D 117 -21.71 2.00 6.13
N HIS D 118 -20.66 2.28 5.36
CA HIS D 118 -19.87 1.22 4.76
C HIS D 118 -18.68 0.81 5.61
N VAL D 119 -18.08 1.78 6.31
CA VAL D 119 -16.92 1.49 7.15
C VAL D 119 -16.93 2.20 8.50
N LEU D 120 -16.54 1.48 9.54
CA LEU D 120 -16.45 2.05 10.87
C LEU D 120 -14.97 2.12 11.21
N ILE D 121 -14.52 3.27 11.70
CA ILE D 121 -13.13 3.46 12.07
C ILE D 121 -13.00 3.72 13.57
N ALA D 122 -12.00 3.09 14.18
CA ALA D 122 -11.76 3.28 15.60
C ALA D 122 -10.39 3.90 15.77
N ALA D 123 -10.29 4.87 16.67
CA ALA D 123 -9.04 5.56 16.96
C ALA D 123 -8.71 5.26 18.41
N ILE D 124 -7.84 4.28 18.65
CA ILE D 124 -7.49 3.88 20.01
C ILE D 124 -6.05 4.20 20.41
N GLU D 125 -5.87 4.69 21.63
CA GLU D 125 -4.53 4.98 22.10
C GLU D 125 -3.81 3.63 22.04
N ALA D 126 -2.67 3.60 21.33
CA ALA D 126 -1.89 2.39 21.10
C ALA D 126 -1.69 1.40 22.26
N GLU D 127 -1.57 1.90 23.49
CA GLU D 127 -1.34 1.02 24.63
C GLU D 127 -2.63 0.51 25.27
N ASN D 128 -3.78 0.89 24.73
CA ASN D 128 -5.04 0.42 25.30
C ASN D 128 -5.37 -0.95 24.74
N THR D 129 -4.61 -1.95 25.17
CA THR D 129 -4.80 -3.32 24.73
C THR D 129 -6.24 -3.80 24.88
N ALA D 130 -6.87 -3.50 26.02
CA ALA D 130 -8.24 -3.91 26.27
C ALA D 130 -9.17 -3.48 25.14
N SER D 131 -9.13 -2.20 24.80
CA SER D 131 -9.98 -1.70 23.73
C SER D 131 -9.64 -2.39 22.40
N ILE D 132 -8.35 -2.50 22.10
CA ILE D 132 -7.94 -3.16 20.86
C ILE D 132 -8.54 -4.56 20.77
N ARG D 133 -8.39 -5.34 21.84
CA ARG D 133 -8.93 -6.70 21.88
C ARG D 133 -10.44 -6.64 21.66
N LEU D 134 -11.09 -5.69 22.33
CA LEU D 134 -12.53 -5.54 22.20
C LEU D 134 -12.96 -5.36 20.75
N HIS D 135 -12.29 -4.45 20.04
CA HIS D 135 -12.61 -4.21 18.64
C HIS D 135 -12.33 -5.43 17.77
N GLU D 136 -11.24 -6.14 18.09
CA GLU D 136 -10.88 -7.34 17.34
C GLU D 136 -11.89 -8.46 17.51
N SER D 137 -12.51 -8.55 18.69
CA SER D 137 -13.48 -9.60 18.92
C SER D 137 -14.73 -9.34 18.09
N LEU D 138 -14.81 -8.15 17.49
CA LEU D 138 -15.96 -7.78 16.66
C LEU D 138 -15.63 -7.65 15.19
N GLY D 139 -14.49 -8.20 14.77
CA GLY D 139 -14.11 -8.15 13.37
C GLY D 139 -13.22 -7.00 12.92
N PHE D 140 -12.92 -6.06 13.81
CA PHE D 140 -12.07 -4.94 13.44
C PHE D 140 -10.64 -5.37 13.12
N ARG D 141 -10.10 -4.77 12.06
CA ARG D 141 -8.74 -5.05 11.59
C ARG D 141 -7.86 -3.85 11.90
N VAL D 142 -6.63 -4.09 12.33
CA VAL D 142 -5.72 -2.99 12.63
C VAL D 142 -5.23 -2.39 11.31
N VAL D 143 -5.44 -1.09 11.14
CA VAL D 143 -5.00 -0.43 9.93
C VAL D 143 -3.54 -0.04 10.13
N GLY D 144 -3.26 0.61 11.24
CA GLY D 144 -1.89 1.01 11.52
C GLY D 144 -1.74 1.75 12.81
N ARG D 145 -0.50 2.05 13.16
CA ARG D 145 -0.22 2.77 14.39
C ARG D 145 0.57 4.04 14.11
N PHE D 146 -0.01 5.17 14.48
CA PHE D 146 0.65 6.45 14.28
C PHE D 146 1.55 6.71 15.48
N SER D 147 2.78 7.13 15.20
CA SER D 147 3.75 7.37 16.26
C SER D 147 3.81 8.78 16.84
N GLU D 148 3.58 8.88 18.14
CA GLU D 148 3.65 10.14 18.87
C GLU D 148 2.89 11.29 18.25
N VAL D 149 1.69 11.01 17.73
CA VAL D 149 0.86 12.02 17.11
C VAL D 149 0.03 12.79 18.14
N GLY D 150 0.08 12.32 19.38
CA GLY D 150 -0.67 12.98 20.42
C GLY D 150 0.15 13.20 21.65
N THR D 151 -0.37 14.02 22.57
CA THR D 151 0.34 14.27 23.81
C THR D 151 -0.64 14.50 24.94
N LYS D 152 -0.39 13.85 26.07
CA LYS D 152 -1.22 13.98 27.26
C LYS D 152 -0.43 13.53 28.48
N PHE D 153 -0.68 14.18 29.62
CA PHE D 153 0.00 13.85 30.87
C PHE D 153 1.50 14.11 30.79
N GLY D 154 1.90 14.98 29.87
CA GLY D 154 3.31 15.30 29.73
C GLY D 154 4.09 14.36 28.84
N ARG D 155 3.42 13.52 28.07
CA ARG D 155 4.16 12.62 27.18
C ARG D 155 3.47 12.26 25.86
N TRP D 156 4.25 11.79 24.89
CA TRP D 156 3.73 11.44 23.59
C TRP D 156 2.85 10.19 23.65
N LEU D 157 1.84 10.17 22.80
CA LEU D 157 0.92 9.05 22.70
C LEU D 157 0.86 8.58 21.26
N ASP D 158 0.66 7.29 21.09
CA ASP D 158 0.55 6.70 19.76
C ASP D 158 -0.92 6.48 19.50
N LEU D 159 -1.31 6.47 18.22
CA LEU D 159 -2.71 6.28 17.84
C LEU D 159 -2.86 5.08 16.90
N THR D 160 -3.44 4.00 17.41
CA THR D 160 -3.67 2.81 16.60
C THR D 160 -5.07 2.90 16.00
N CYS D 161 -5.17 2.83 14.68
CA CYS D 161 -6.47 2.90 14.02
C CYS D 161 -6.91 1.55 13.51
N GLU D 163 -10.33 -0.68 11.47
CA GLU D 163 -11.48 -0.52 10.59
C GLU D 163 -12.35 -1.77 10.52
N LEU D 164 -13.62 -1.54 10.25
CA LEU D 164 -14.59 -2.61 10.11
C LEU D 164 -15.49 -2.27 8.93
N LYS D 165 -15.41 -3.06 7.87
CA LYS D 165 -16.24 -2.83 6.70
C LYS D 165 -17.55 -3.60 6.90
N LEU D 166 -18.67 -2.95 6.60
CA LEU D 166 -19.96 -3.59 6.76
C LEU D 166 -20.41 -4.21 5.44
#